data_4W5S
#
_entry.id   4W5S
#
_cell.length_a   81.010
_cell.length_b   81.930
_cell.length_c   82.170
_cell.angle_alpha   90.00
_cell.angle_beta   90.00
_cell.angle_gamma   90.00
#
_symmetry.space_group_name_H-M   'I 21 21 21'
#
loop_
_entity.id
_entity.type
_entity.pdbx_description
1 polymer Tankyrase-1
2 non-polymer GLYCEROL
3 non-polymer 8-(hydroxymethyl)-2-[4-(1-methyl-1H-pyrazol-4-yl)phenyl]quinazolin-4(3H)-one
4 non-polymer 'ZINC ION'
5 water water
#
_entity_poly.entity_id   1
_entity_poly.type   'polypeptide(L)'
_entity_poly.pdbx_seq_one_letter_code
;AGTILLDLAPEDKEYQSVEEEMQSTIREHRDGGNAGGIFNRYNVIRIQKVVNKKLRERFCHRQKEVSEENHNHHNERMLF
HGSPFINAIIHKGFDERHAYIGGMFGAGIYFAENSSKSNQYVYGIGGGTGCPTHKDRSCYICHRQMLFCRVTLGKSFLQF
STMKMAHAPPGHHSVIGRPSVNALAYAEYVIYRGEQAYPEYLITYQIMKPE
;
_entity_poly.pdbx_strand_id   A
#
loop_
_chem_comp.id
_chem_comp.type
_chem_comp.name
_chem_comp.formula
3J1 non-polymer 8-(hydroxymethyl)-2-[4-(1-methyl-1H-pyrazol-4-yl)phenyl]quinazolin-4(3H)-one 'C19 H16 N4 O2'
GOL non-polymer GLYCEROL 'C3 H8 O3'
ZN non-polymer 'ZINC ION' 'Zn 2'
#
# COMPACT_ATOMS: atom_id res chain seq x y z
N ALA A 1 -6.36 -18.34 7.95
CA ALA A 1 -6.02 -18.67 6.56
C ALA A 1 -7.17 -18.43 5.58
N GLY A 2 -8.41 -18.69 6.03
CA GLY A 2 -9.63 -18.56 5.23
C GLY A 2 -10.09 -17.13 4.99
N THR A 3 -9.82 -16.59 3.78
CA THR A 3 -10.22 -15.24 3.39
C THR A 3 -11.56 -15.23 2.66
N ILE A 4 -12.40 -14.22 2.96
CA ILE A 4 -13.69 -13.93 2.31
C ILE A 4 -13.57 -12.52 1.72
N LEU A 5 -13.85 -12.36 0.40
CA LEU A 5 -13.78 -11.06 -0.28
C LEU A 5 -15.21 -10.61 -0.57
N LEU A 6 -15.72 -9.59 0.16
CA LEU A 6 -17.11 -9.16 -0.02
C LEU A 6 -17.11 -8.02 -0.99
N ASP A 7 -17.86 -8.14 -2.09
CA ASP A 7 -17.96 -7.12 -3.12
C ASP A 7 -18.78 -5.92 -2.65
N LEU A 8 -18.18 -4.73 -2.74
CA LEU A 8 -18.81 -3.45 -2.40
C LEU A 8 -19.54 -3.00 -3.66
N ALA A 9 -20.75 -2.39 -3.51
CA ALA A 9 -21.56 -1.91 -4.64
C ALA A 9 -21.07 -0.55 -5.10
N PRO A 10 -21.03 -0.27 -6.44
CA PRO A 10 -20.58 1.06 -6.91
C PRO A 10 -21.41 2.23 -6.42
N GLU A 11 -22.62 1.92 -5.93
CA GLU A 11 -23.60 2.85 -5.41
C GLU A 11 -23.45 3.09 -3.91
N ASP A 12 -22.68 2.23 -3.20
CA ASP A 12 -22.39 2.32 -1.75
C ASP A 12 -21.31 3.40 -1.54
N LYS A 13 -21.52 4.33 -0.58
CA LYS A 13 -20.54 5.41 -0.35
C LYS A 13 -19.19 4.88 0.19
N GLU A 14 -19.16 3.66 0.75
CA GLU A 14 -17.92 3.02 1.20
C GLU A 14 -17.01 2.84 -0.03
N TYR A 15 -17.59 2.38 -1.14
CA TYR A 15 -16.92 2.15 -2.41
C TYR A 15 -16.52 3.47 -3.06
N GLN A 16 -17.44 4.46 -3.06
CA GLN A 16 -17.28 5.77 -3.70
C GLN A 16 -16.13 6.59 -3.12
N SER A 17 -15.90 6.43 -1.80
CA SER A 17 -14.87 7.07 -1.01
C SER A 17 -13.51 6.47 -1.33
N VAL A 18 -13.45 5.14 -1.38
CA VAL A 18 -12.22 4.37 -1.67
C VAL A 18 -11.73 4.74 -3.06
N GLU A 19 -12.66 4.80 -4.06
CA GLU A 19 -12.34 5.25 -5.44
C GLU A 19 -11.90 6.71 -5.42
N GLU A 20 -12.52 7.55 -4.57
CA GLU A 20 -12.17 8.98 -4.42
C GLU A 20 -10.75 9.14 -3.87
N GLU A 21 -10.32 8.29 -2.90
CA GLU A 21 -8.96 8.39 -2.37
C GLU A 21 -8.00 7.92 -3.44
N MET A 22 -8.42 6.95 -4.25
CA MET A 22 -7.59 6.38 -5.31
C MET A 22 -7.39 7.36 -6.43
N GLN A 23 -8.47 7.92 -6.97
CA GLN A 23 -8.50 8.85 -8.10
C GLN A 23 -7.92 10.24 -7.78
N SER A 24 -8.25 10.81 -6.62
CA SER A 24 -7.80 12.14 -6.20
C SER A 24 -6.33 12.22 -5.75
N THR A 25 -5.70 11.07 -5.47
CA THR A 25 -4.29 11.09 -5.03
C THR A 25 -3.33 10.69 -6.19
N ILE A 26 -3.80 10.77 -7.45
CA ILE A 26 -2.97 10.50 -8.64
C ILE A 26 -2.03 11.73 -8.80
N ARG A 27 -0.71 11.48 -8.92
CA ARG A 27 0.29 12.53 -9.11
C ARG A 27 1.32 12.14 -10.16
N GLU A 28 1.85 13.17 -10.87
CA GLU A 28 2.85 13.08 -11.94
C GLU A 28 4.15 12.54 -11.34
N HIS A 29 4.65 11.42 -11.87
CA HIS A 29 5.86 10.83 -11.32
C HIS A 29 7.10 11.10 -12.17
N ARG A 30 8.23 11.27 -11.49
CA ARG A 30 9.55 11.62 -12.03
C ARG A 30 10.07 10.70 -13.13
N ASP A 31 9.66 9.40 -13.12
CA ASP A 31 10.13 8.43 -14.11
C ASP A 31 9.45 8.53 -15.50
N GLY A 32 8.60 9.54 -15.68
CA GLY A 32 7.88 9.76 -16.94
C GLY A 32 6.85 8.69 -17.21
N GLY A 33 6.63 7.84 -16.19
CA GLY A 33 5.69 6.73 -16.20
C GLY A 33 6.31 5.39 -16.54
N ASN A 34 7.63 5.27 -16.42
CA ASN A 34 8.35 4.04 -16.78
C ASN A 34 7.87 2.78 -16.03
N ALA A 35 7.61 2.92 -14.71
CA ALA A 35 7.18 1.85 -13.80
C ALA A 35 5.66 1.61 -13.78
N GLY A 36 4.88 2.68 -13.70
CA GLY A 36 3.43 2.59 -13.65
C GLY A 36 2.67 2.65 -14.96
N GLY A 37 3.24 3.37 -15.93
CA GLY A 37 2.62 3.60 -17.23
C GLY A 37 2.07 5.00 -17.36
N ILE A 38 1.87 5.47 -18.58
CA ILE A 38 1.32 6.82 -18.76
C ILE A 38 -0.22 6.79 -18.56
N PHE A 39 -0.72 7.55 -17.56
CA PHE A 39 -2.17 7.67 -17.26
C PHE A 39 -2.49 8.89 -16.38
N ASN A 40 -3.75 9.31 -16.39
CA ASN A 40 -4.27 10.44 -15.62
C ASN A 40 -5.50 10.05 -14.80
N ARG A 41 -6.08 8.86 -15.06
CA ARG A 41 -7.26 8.36 -14.37
C ARG A 41 -7.23 6.82 -14.33
N TYR A 42 -7.99 6.20 -13.41
CA TYR A 42 -8.12 4.74 -13.34
C TYR A 42 -9.50 4.32 -13.81
N ASN A 43 -9.61 3.03 -14.14
CA ASN A 43 -10.86 2.38 -14.47
C ASN A 43 -11.01 1.30 -13.41
N VAL A 44 -11.70 1.64 -12.30
CA VAL A 44 -11.96 0.75 -11.17
C VAL A 44 -13.05 -0.25 -11.59
N ILE A 45 -12.65 -1.55 -11.67
CA ILE A 45 -13.47 -2.70 -12.10
C ILE A 45 -14.25 -3.30 -10.93
N ARG A 46 -13.64 -3.36 -9.73
CA ARG A 46 -14.25 -3.98 -8.56
C ARG A 46 -13.50 -3.52 -7.30
N ILE A 47 -14.22 -3.25 -6.22
CA ILE A 47 -13.64 -2.92 -4.89
C ILE A 47 -14.24 -3.98 -3.95
N GLN A 48 -13.35 -4.74 -3.24
CA GLN A 48 -13.70 -5.85 -2.33
C GLN A 48 -13.12 -5.61 -0.98
N LYS A 49 -13.86 -5.97 0.06
CA LYS A 49 -13.44 -5.86 1.45
C LYS A 49 -12.88 -7.25 1.83
N VAL A 50 -11.64 -7.28 2.28
CA VAL A 50 -10.95 -8.51 2.68
C VAL A 50 -11.29 -8.87 4.14
N VAL A 51 -11.80 -10.09 4.37
CA VAL A 51 -12.19 -10.60 5.69
C VAL A 51 -11.42 -11.89 5.96
N ASN A 52 -10.55 -11.87 6.98
CA ASN A 52 -9.76 -13.01 7.45
C ASN A 52 -9.66 -12.95 9.00
N LYS A 53 -10.24 -13.93 9.69
CA LYS A 53 -10.34 -13.93 11.16
C LYS A 53 -9.00 -13.76 11.88
N LYS A 54 -7.98 -14.58 11.49
CA LYS A 54 -6.62 -14.62 12.08
C LYS A 54 -5.83 -13.38 11.77
N LEU A 55 -5.94 -12.87 10.55
CA LEU A 55 -5.21 -11.65 10.14
C LEU A 55 -5.70 -10.45 10.97
N ARG A 56 -7.03 -10.37 11.16
CA ARG A 56 -7.69 -9.37 11.97
C ARG A 56 -7.30 -9.57 13.44
N GLU A 57 -7.01 -10.84 13.88
CA GLU A 57 -6.61 -11.10 15.25
C GLU A 57 -5.21 -10.58 15.50
N ARG A 58 -4.25 -10.90 14.60
CA ARG A 58 -2.83 -10.46 14.63
C ARG A 58 -2.69 -8.93 14.66
N PHE A 59 -3.40 -8.24 13.76
CA PHE A 59 -3.50 -6.78 13.65
C PHE A 59 -4.09 -6.12 14.92
N CYS A 60 -5.25 -6.58 15.37
CA CYS A 60 -5.92 -6.00 16.52
C CYS A 60 -5.12 -6.19 17.81
N HIS A 61 -4.39 -7.32 17.90
CA HIS A 61 -3.52 -7.60 19.02
C HIS A 61 -2.39 -6.59 19.04
N ARG A 62 -1.69 -6.40 17.89
CA ARG A 62 -0.61 -5.41 17.72
C ARG A 62 -1.09 -3.97 17.96
N GLN A 63 -2.27 -3.57 17.40
CA GLN A 63 -2.87 -2.25 17.52
C GLN A 63 -2.99 -1.85 18.98
N LYS A 64 -3.42 -2.81 19.84
CA LYS A 64 -3.57 -2.70 21.29
C LYS A 64 -2.22 -2.45 21.97
N GLU A 65 -1.17 -3.24 21.58
CA GLU A 65 0.22 -3.17 22.07
C GLU A 65 0.84 -1.81 21.73
N VAL A 66 0.64 -1.31 20.47
CA VAL A 66 1.12 0.00 19.97
C VAL A 66 0.41 1.16 20.69
N SER A 67 -0.93 1.06 20.85
CA SER A 67 -1.79 2.00 21.58
C SER A 67 -1.18 2.23 23.00
N GLU A 68 -1.11 1.16 23.85
CA GLU A 68 -0.51 1.16 25.21
C GLU A 68 0.89 1.81 25.26
N GLU A 69 1.74 1.44 24.29
CA GLU A 69 3.10 1.92 24.07
C GLU A 69 3.20 3.39 23.53
N ASN A 70 2.06 4.02 23.19
CA ASN A 70 2.02 5.36 22.61
C ASN A 70 0.83 6.21 23.15
N HIS A 71 0.67 6.24 24.48
CA HIS A 71 -0.36 7.01 25.18
C HIS A 71 -1.80 6.72 24.72
N ASN A 72 -2.11 5.43 24.48
CA ASN A 72 -3.41 4.89 24.06
C ASN A 72 -3.93 5.53 22.74
N HIS A 73 -3.01 5.71 21.79
CA HIS A 73 -3.24 6.28 20.47
C HIS A 73 -2.48 5.43 19.48
N HIS A 74 -3.18 4.53 18.77
CA HIS A 74 -2.50 3.64 17.82
C HIS A 74 -2.08 4.35 16.54
N ASN A 75 -2.69 5.54 16.24
CA ASN A 75 -2.41 6.42 15.11
C ASN A 75 -2.53 5.67 13.78
N GLU A 76 -3.70 5.04 13.51
CA GLU A 76 -3.98 4.32 12.27
C GLU A 76 -4.16 5.31 11.10
N ARG A 77 -3.78 4.85 9.88
CA ARG A 77 -3.85 5.61 8.65
C ARG A 77 -4.19 4.65 7.51
N MET A 78 -5.00 5.11 6.55
CA MET A 78 -5.38 4.34 5.36
C MET A 78 -4.42 4.69 4.21
N LEU A 79 -3.50 3.78 3.91
CA LEU A 79 -2.52 4.02 2.86
C LEU A 79 -2.62 2.95 1.80
N PHE A 80 -2.15 3.24 0.60
CA PHE A 80 -2.17 2.27 -0.48
C PHE A 80 -0.92 1.37 -0.42
N HIS A 81 -0.96 0.26 -1.15
CA HIS A 81 0.13 -0.70 -1.27
C HIS A 81 -0.08 -1.47 -2.57
N GLY A 82 0.98 -1.53 -3.35
CA GLY A 82 1.04 -2.28 -4.59
C GLY A 82 2.17 -3.30 -4.45
N SER A 83 1.89 -4.57 -4.75
CA SER A 83 2.90 -5.63 -4.66
C SER A 83 2.56 -6.78 -5.57
N PRO A 84 3.55 -7.42 -6.26
CA PRO A 84 3.19 -8.59 -7.09
C PRO A 84 2.76 -9.81 -6.26
N PHE A 85 2.60 -9.63 -4.93
CA PHE A 85 2.26 -10.68 -3.96
C PHE A 85 0.99 -10.45 -3.16
N ILE A 86 0.03 -9.75 -3.79
CA ILE A 86 -1.31 -9.39 -3.30
C ILE A 86 -2.03 -10.62 -2.75
N ASN A 87 -2.00 -11.72 -3.50
CA ASN A 87 -2.66 -12.98 -3.15
C ASN A 87 -2.17 -13.55 -1.86
N ALA A 88 -0.86 -13.56 -1.64
CA ALA A 88 -0.27 -14.00 -0.39
C ALA A 88 -0.62 -13.02 0.78
N ILE A 89 -0.70 -11.69 0.50
CA ILE A 89 -1.03 -10.70 1.53
C ILE A 89 -2.48 -10.89 2.06
N ILE A 90 -3.48 -11.06 1.16
CA ILE A 90 -4.86 -11.23 1.59
C ILE A 90 -5.12 -12.59 2.29
N HIS A 91 -4.28 -13.62 2.03
CA HIS A 91 -4.44 -14.95 2.65
C HIS A 91 -3.53 -15.17 3.87
N LYS A 92 -2.25 -14.85 3.74
CA LYS A 92 -1.24 -15.04 4.76
C LYS A 92 -0.91 -13.76 5.58
N GLY A 93 -1.34 -12.59 5.13
CA GLY A 93 -1.04 -11.31 5.79
C GLY A 93 0.34 -10.79 5.47
N PHE A 94 0.58 -9.47 5.68
CA PHE A 94 1.92 -8.86 5.45
C PHE A 94 2.98 -9.55 6.30
N ASP A 95 4.16 -9.71 5.75
CA ASP A 95 5.30 -10.38 6.40
C ASP A 95 6.52 -9.50 6.19
N GLU A 96 7.12 -9.01 7.32
CA GLU A 96 8.35 -8.18 7.36
C GLU A 96 9.57 -8.98 6.85
N ARG A 97 9.44 -10.29 6.83
CA ARG A 97 10.47 -11.17 6.31
C ARG A 97 10.53 -11.08 4.77
N HIS A 98 9.52 -10.39 4.14
CA HIS A 98 9.41 -10.05 2.70
C HIS A 98 9.44 -8.51 2.56
N ALA A 99 10.28 -7.87 3.40
CA ALA A 99 10.48 -6.43 3.42
C ALA A 99 11.25 -6.04 2.21
N TYR A 100 10.98 -4.85 1.69
CA TYR A 100 11.67 -4.29 0.55
C TYR A 100 13.08 -3.84 1.01
N ILE A 101 14.07 -4.74 0.88
CA ILE A 101 15.45 -4.47 1.31
C ILE A 101 16.02 -3.21 0.65
N GLY A 102 15.88 -3.10 -0.66
CA GLY A 102 16.36 -1.98 -1.45
C GLY A 102 15.78 -0.61 -1.16
N GLY A 103 14.90 -0.53 -0.16
CA GLY A 103 14.22 0.72 0.21
C GLY A 103 15.14 1.75 0.82
N MET A 104 14.72 3.03 0.76
CA MET A 104 15.54 4.13 1.30
C MET A 104 15.56 4.17 2.82
N PHE A 105 14.54 3.56 3.47
CA PHE A 105 14.46 3.46 4.92
C PHE A 105 14.73 2.00 5.38
N GLY A 106 15.32 1.21 4.47
CA GLY A 106 15.72 -0.16 4.71
C GLY A 106 14.59 -1.19 4.58
N ALA A 107 14.85 -2.37 5.16
CA ALA A 107 13.95 -3.50 5.13
C ALA A 107 12.69 -3.32 5.96
N GLY A 108 11.70 -2.66 5.37
CA GLY A 108 10.39 -2.44 5.97
C GLY A 108 9.27 -2.73 4.99
N ILE A 109 8.03 -2.47 5.37
CA ILE A 109 6.89 -2.69 4.47
C ILE A 109 6.35 -1.25 4.16
N TYR A 110 6.43 -0.87 2.86
CA TYR A 110 6.15 0.48 2.38
C TYR A 110 4.76 0.65 1.84
N PHE A 111 4.16 1.77 2.22
CA PHE A 111 2.83 2.19 1.85
C PHE A 111 2.94 3.62 1.37
N ALA A 112 2.02 4.05 0.51
CA ALA A 112 1.98 5.39 -0.05
C ALA A 112 0.62 6.07 0.20
N GLU A 113 0.61 7.40 0.33
CA GLU A 113 -0.64 8.14 0.52
C GLU A 113 -1.26 8.39 -0.84
N ASN A 114 -0.40 8.41 -1.89
CA ASN A 114 -0.67 8.60 -3.31
C ASN A 114 -0.83 7.25 -3.99
N SER A 115 -1.98 6.99 -4.61
CA SER A 115 -2.24 5.68 -5.25
C SER A 115 -1.35 5.37 -6.45
N SER A 116 -0.91 6.42 -7.17
CA SER A 116 -0.06 6.31 -8.36
C SER A 116 1.34 5.77 -8.03
N LYS A 117 1.83 6.07 -6.79
CA LYS A 117 3.14 5.64 -6.26
C LYS A 117 3.14 4.12 -6.01
N SER A 118 2.02 3.55 -5.54
CA SER A 118 1.86 2.13 -5.28
C SER A 118 1.72 1.34 -6.61
N ASN A 119 1.22 2.00 -7.66
CA ASN A 119 1.02 1.45 -9.00
C ASN A 119 2.36 1.09 -9.73
N GLN A 120 3.49 1.66 -9.27
CA GLN A 120 4.83 1.42 -9.80
C GLN A 120 5.45 0.13 -9.22
N TYR A 121 4.76 -0.48 -8.24
CA TYR A 121 5.22 -1.66 -7.52
C TYR A 121 4.23 -2.80 -7.69
N VAL A 122 3.17 -2.57 -8.46
CA VAL A 122 2.16 -3.58 -8.75
C VAL A 122 2.79 -4.80 -9.45
N TYR A 123 3.74 -4.55 -10.39
CA TYR A 123 4.44 -5.64 -11.10
C TYR A 123 5.92 -5.87 -10.61
N GLY A 124 6.23 -5.42 -9.41
CA GLY A 124 7.54 -5.55 -8.79
C GLY A 124 8.26 -4.22 -8.69
N ILE A 125 9.52 -4.25 -8.17
CA ILE A 125 10.34 -3.04 -8.05
C ILE A 125 10.52 -2.46 -9.48
N GLY A 126 10.22 -1.15 -9.62
CA GLY A 126 10.32 -0.39 -10.86
C GLY A 126 9.46 -0.93 -11.99
N GLY A 127 8.32 -1.52 -11.63
CA GLY A 127 7.37 -2.13 -12.55
C GLY A 127 7.73 -3.49 -13.12
N GLY A 128 8.88 -4.07 -12.70
CA GLY A 128 9.40 -5.35 -13.16
C GLY A 128 9.52 -5.46 -14.68
N THR A 129 8.91 -6.51 -15.26
CA THR A 129 8.86 -6.71 -16.70
C THR A 129 7.49 -6.30 -17.21
N GLY A 130 6.64 -5.85 -16.28
CA GLY A 130 5.26 -5.45 -16.54
C GLY A 130 4.29 -6.60 -16.42
N CYS A 131 3.08 -6.42 -17.01
CA CYS A 131 1.99 -7.40 -17.04
C CYS A 131 2.45 -8.79 -17.49
N PRO A 132 2.12 -9.87 -16.74
CA PRO A 132 2.60 -11.22 -17.15
C PRO A 132 2.32 -11.59 -18.61
N THR A 133 1.15 -11.18 -19.11
CA THR A 133 0.72 -11.48 -20.46
C THR A 133 1.50 -10.71 -21.51
N HIS A 134 1.31 -9.39 -21.61
CA HIS A 134 1.91 -8.62 -22.70
C HIS A 134 3.23 -7.95 -22.35
N LYS A 135 3.90 -8.39 -21.26
CA LYS A 135 5.22 -7.91 -20.78
C LYS A 135 5.35 -6.35 -20.81
N ASP A 136 4.21 -5.65 -20.58
CA ASP A 136 4.05 -4.21 -20.65
C ASP A 136 3.87 -3.55 -19.26
N ARG A 137 4.80 -2.65 -18.89
CA ARG A 137 4.72 -1.89 -17.64
C ARG A 137 3.60 -0.84 -17.70
N SER A 138 3.16 -0.50 -18.93
CA SER A 138 2.10 0.46 -19.21
C SER A 138 0.77 -0.17 -19.70
N CYS A 139 0.63 -1.53 -19.66
CA CYS A 139 -0.56 -2.22 -20.15
C CYS A 139 -1.83 -1.62 -19.64
N TYR A 140 -2.82 -1.47 -20.56
CA TYR A 140 -4.16 -0.90 -20.33
C TYR A 140 -5.25 -1.98 -20.46
N ILE A 141 -4.84 -3.18 -20.91
CA ILE A 141 -5.71 -4.34 -21.10
C ILE A 141 -5.85 -5.08 -19.79
N CYS A 142 -4.71 -5.49 -19.20
CA CYS A 142 -4.72 -6.28 -17.97
C CYS A 142 -5.26 -5.55 -16.76
N HIS A 143 -6.04 -6.29 -15.95
CA HIS A 143 -6.55 -5.84 -14.69
C HIS A 143 -5.40 -5.93 -13.66
N ARG A 144 -5.11 -4.79 -13.03
CA ARG A 144 -4.09 -4.64 -12.00
C ARG A 144 -4.87 -4.71 -10.71
N GLN A 145 -4.17 -4.79 -9.57
CA GLN A 145 -4.76 -4.76 -8.23
C GLN A 145 -3.81 -4.08 -7.27
N MET A 146 -4.38 -3.46 -6.24
CA MET A 146 -3.63 -2.84 -5.15
C MET A 146 -4.55 -2.83 -3.96
N LEU A 147 -3.98 -2.64 -2.80
CA LEU A 147 -4.69 -2.60 -1.56
C LEU A 147 -4.73 -1.20 -0.99
N PHE A 148 -5.84 -0.87 -0.32
CA PHE A 148 -6.01 0.35 0.46
C PHE A 148 -6.08 -0.22 1.88
N CYS A 149 -5.01 0.02 2.66
CA CYS A 149 -4.79 -0.62 3.96
C CYS A 149 -5.04 0.22 5.22
N ARG A 150 -5.36 -0.51 6.33
CA ARG A 150 -5.42 0.05 7.68
C ARG A 150 -3.98 -0.16 8.15
N VAL A 151 -3.22 0.94 8.39
CA VAL A 151 -1.81 0.91 8.83
C VAL A 151 -1.68 1.46 10.25
N THR A 152 -1.03 0.72 11.21
CA THR A 152 -0.84 1.12 12.61
C THR A 152 0.51 1.81 12.70
N LEU A 153 0.47 3.14 12.68
CA LEU A 153 1.67 3.96 12.64
C LEU A 153 2.29 4.19 14.00
N GLY A 154 1.48 4.26 15.05
CA GLY A 154 1.95 4.52 16.41
C GLY A 154 2.71 5.81 16.42
N LYS A 155 3.85 5.86 17.10
CA LYS A 155 4.66 7.08 17.11
C LYS A 155 5.58 7.00 15.91
N SER A 156 5.30 7.79 14.88
CA SER A 156 6.08 7.83 13.64
C SER A 156 7.33 8.64 13.82
N PHE A 157 8.40 8.20 13.20
CA PHE A 157 9.68 8.86 13.20
C PHE A 157 9.81 9.44 11.80
N LEU A 158 10.00 10.76 11.68
CA LEU A 158 10.08 11.46 10.40
C LEU A 158 11.48 11.58 9.92
N GLN A 159 11.69 11.16 8.67
CA GLN A 159 12.93 11.28 7.93
C GLN A 159 12.68 12.06 6.65
N PHE A 160 13.71 12.73 6.14
CA PHE A 160 13.58 13.55 4.92
C PHE A 160 14.46 13.04 3.79
N SER A 161 15.45 12.20 4.16
CA SER A 161 16.46 11.60 3.31
C SER A 161 16.69 10.13 3.68
N THR A 162 17.28 9.37 2.73
CA THR A 162 17.65 7.95 2.82
C THR A 162 18.42 7.67 4.12
N MET A 163 17.89 6.77 4.92
CA MET A 163 18.46 6.36 6.20
C MET A 163 18.02 4.88 6.38
N LYS A 164 18.94 3.96 6.11
CA LYS A 164 18.63 2.53 6.17
C LYS A 164 18.66 1.99 7.59
N MET A 165 17.52 1.49 8.02
CA MET A 165 17.31 0.83 9.31
C MET A 165 16.45 -0.41 9.12
N ALA A 166 16.68 -1.37 9.99
CA ALA A 166 16.07 -2.69 10.02
C ALA A 166 14.74 -2.63 10.71
N HIS A 167 14.68 -1.85 11.79
CA HIS A 167 13.50 -1.71 12.63
C HIS A 167 13.29 -0.24 12.91
N ALA A 168 12.06 0.16 13.33
CA ALA A 168 11.79 1.56 13.68
C ALA A 168 12.67 2.00 14.92
N PRO A 169 13.06 3.30 15.02
CA PRO A 169 13.94 3.74 16.12
C PRO A 169 13.38 3.44 17.52
N PRO A 170 14.22 3.35 18.58
CA PRO A 170 13.65 3.14 19.94
C PRO A 170 12.46 4.05 20.23
N GLY A 171 11.48 3.52 20.93
CA GLY A 171 10.30 4.29 21.28
C GLY A 171 9.35 4.68 20.16
N HIS A 172 9.65 4.25 18.91
CA HIS A 172 8.87 4.55 17.70
C HIS A 172 8.33 3.30 17.07
N HIS A 173 7.24 3.37 16.26
CA HIS A 173 6.61 2.19 15.64
C HIS A 173 6.61 2.24 14.13
N SER A 174 7.08 3.36 13.54
CA SER A 174 7.12 3.53 12.09
C SER A 174 8.03 4.69 11.66
N VAL A 175 8.37 4.74 10.36
CA VAL A 175 9.20 5.78 9.72
C VAL A 175 8.37 6.44 8.60
N ILE A 176 8.44 7.78 8.47
CA ILE A 176 7.77 8.54 7.40
C ILE A 176 8.83 9.33 6.62
N GLY A 177 8.94 9.06 5.33
CA GLY A 177 9.81 9.78 4.41
C GLY A 177 9.04 10.93 3.81
N ARG A 178 9.31 12.18 4.28
CA ARG A 178 8.58 13.38 3.87
C ARG A 178 9.16 14.07 2.65
N PRO A 179 8.27 14.57 1.75
CA PRO A 179 8.75 15.30 0.58
C PRO A 179 9.29 16.69 0.89
N SER A 180 10.63 16.80 0.91
CA SER A 180 11.33 18.06 1.16
C SER A 180 11.92 18.61 -0.15
N ALA A 183 13.91 17.36 -2.45
CA ALA A 183 14.30 15.99 -2.07
C ALA A 183 13.28 14.89 -2.49
N LEU A 184 12.47 14.32 -1.56
CA LEU A 184 11.48 13.27 -1.89
C LEU A 184 10.31 13.80 -2.71
N ALA A 185 9.86 13.01 -3.70
CA ALA A 185 8.74 13.41 -4.57
C ALA A 185 7.43 13.38 -3.77
N TYR A 186 7.10 12.20 -3.19
CA TYR A 186 5.89 12.00 -2.38
C TYR A 186 6.19 11.24 -1.10
N ALA A 187 5.36 11.47 -0.06
CA ALA A 187 5.51 10.87 1.28
C ALA A 187 5.43 9.36 1.23
N GLU A 188 6.30 8.66 2.00
CA GLU A 188 6.20 7.20 2.05
C GLU A 188 6.23 6.74 3.48
N TYR A 189 5.31 5.82 3.80
CA TYR A 189 5.07 5.26 5.13
C TYR A 189 5.68 3.87 5.23
N VAL A 190 6.47 3.62 6.30
CA VAL A 190 7.22 2.38 6.48
C VAL A 190 6.93 1.70 7.83
N ILE A 191 6.57 0.40 7.81
CA ILE A 191 6.37 -0.40 9.03
C ILE A 191 7.40 -1.55 9.04
N TYR A 192 7.85 -1.97 10.22
CA TYR A 192 8.83 -3.04 10.26
C TYR A 192 8.26 -4.34 10.82
N ARG A 193 6.92 -4.41 10.86
CA ARG A 193 6.17 -5.54 11.38
C ARG A 193 4.87 -5.71 10.62
N GLY A 194 4.69 -6.88 10.01
CA GLY A 194 3.49 -7.23 9.25
C GLY A 194 2.15 -6.96 9.90
N GLU A 195 2.04 -7.23 11.22
CA GLU A 195 0.84 -7.10 12.03
C GLU A 195 0.46 -5.64 12.30
N GLN A 196 1.21 -4.69 11.74
CA GLN A 196 0.94 -3.26 11.82
C GLN A 196 0.26 -2.77 10.53
N ALA A 197 -0.33 -3.69 9.75
CA ALA A 197 -1.05 -3.38 8.53
C ALA A 197 -2.06 -4.47 8.25
N TYR A 198 -3.28 -4.08 7.85
CA TYR A 198 -4.35 -5.01 7.48
C TYR A 198 -4.82 -4.70 6.06
N PRO A 199 -4.88 -5.71 5.14
CA PRO A 199 -5.29 -5.42 3.75
C PRO A 199 -6.80 -5.24 3.63
N GLU A 200 -7.35 -4.16 4.22
CA GLU A 200 -8.79 -3.90 4.30
C GLU A 200 -9.54 -3.95 2.93
N TYR A 201 -9.06 -3.21 1.89
CA TYR A 201 -9.70 -3.12 0.56
C TYR A 201 -8.83 -3.64 -0.52
N LEU A 202 -9.42 -4.41 -1.45
CA LEU A 202 -8.77 -4.99 -2.61
C LEU A 202 -9.34 -4.32 -3.83
N ILE A 203 -8.53 -3.48 -4.50
CA ILE A 203 -8.94 -2.71 -5.68
C ILE A 203 -8.55 -3.36 -7.01
N THR A 204 -9.53 -3.86 -7.76
CA THR A 204 -9.27 -4.41 -9.09
C THR A 204 -9.58 -3.26 -10.04
N TYR A 205 -8.57 -2.86 -10.84
CA TYR A 205 -8.64 -1.70 -11.72
C TYR A 205 -7.77 -1.82 -12.98
N GLN A 206 -7.85 -0.82 -13.85
CA GLN A 206 -7.02 -0.67 -15.04
C GLN A 206 -6.52 0.77 -15.05
N ILE A 207 -5.32 1.02 -15.64
CA ILE A 207 -4.81 2.38 -15.79
C ILE A 207 -5.43 2.88 -17.07
N MET A 208 -5.79 4.16 -17.17
CA MET A 208 -6.47 4.57 -18.40
C MET A 208 -5.59 5.28 -19.43
N LYS A 209 -5.59 4.73 -20.66
CA LYS A 209 -4.88 5.26 -21.81
C LYS A 209 -5.44 6.63 -22.15
N PRO A 210 -4.64 7.70 -21.99
CA PRO A 210 -5.17 9.03 -22.30
C PRO A 210 -5.35 9.19 -23.81
N GLU A 211 -6.43 9.89 -24.25
CA GLU A 211 -6.75 10.22 -25.64
C GLU A 211 -8.18 10.76 -25.77
C1 GOL B . 4.75 -7.07 -0.03
O1 GOL B . 5.08 -5.74 -0.39
C2 GOL B . 4.85 -7.27 1.45
O2 GOL B . 6.19 -6.98 1.88
C3 GOL B . 4.53 -8.72 1.75
O3 GOL B . 4.29 -8.88 3.13
C1 3J1 C . 9.40 -6.93 -2.07
C2 3J1 C . 8.83 -6.35 -3.19
C3 3J1 C . 9.24 -7.20 -4.26
C7 3J1 C . 6.99 -2.51 -2.66
C8 3J1 C . 6.21 -3.66 -2.86
C9 3J1 C . 6.80 -4.89 -3.07
C10 3J1 C . 6.40 -1.18 -2.44
C11 3J1 C . 4.38 0.15 -2.29
C12 3J1 C . 5.25 1.30 -2.05
C13 3J1 C . 4.73 2.58 -1.84
C14 3J1 C . 5.59 3.64 -1.64
C15 3J1 C . 6.96 3.43 -1.64
C16 3J1 C . 7.52 2.17 -1.86
O 3J1 C . 3.15 0.22 -2.33
N2 3J1 C . 5.03 -1.04 -2.48
C17 3J1 C . 6.63 1.10 -2.05
C18 3J1 C . 9.01 1.97 -1.83
O1 3J1 C . 9.71 3.07 -2.36
N3 3J1 C . 7.21 -0.15 -2.23
C6 3J1 C . 8.37 -2.65 -2.66
C5 3J1 C . 8.96 -3.88 -2.88
C4 3J1 C . 8.19 -5.02 -3.10
N1 3J1 C . 9.92 -8.24 -3.84
N 3J1 C . 10.02 -8.05 -2.48
C 3J1 C . 10.71 -9.03 -1.65
ZN ZN D . -1.03 -6.93 -20.33
#